data_6BSS
#
_entry.id   6BSS
#
_cell.length_a   43.927
_cell.length_b   57.658
_cell.length_c   61.056
_cell.angle_alpha   90.00
_cell.angle_beta   110.52
_cell.angle_gamma   90.00
#
_symmetry.space_group_name_H-M   'P 1 21 1'
#
loop_
_entity.id
_entity.type
_entity.pdbx_description
1 polymer 'Tyrosine-protein kinase JAK2'
2 non-polymer GLYCEROL
3 non-polymer "O6-CYCLOHEXYLMETHOXY-2-(4'-SULPHAMOYLANILINO) PURINE"
4 water water
#
_entity_poly.entity_id   1
_entity_poly.type   'polypeptide(L)'
_entity_poly.pdbx_seq_one_letter_code
;VFHKIRNEDLIFNESLGQGTFTKIFKGVRREVGDYGQLHETEVLLKVLDKAHRNYSESFFEAASMMSKLSHKHLVLNYGV
CVCGDENILVQEFVKFGSLDTYLKKNKNCINILWKLEVAKQLAAAMHFLEENTLIHGNVCAKNILLIREEDRKTGNPPFI
KLSDPGISITVLPKDILQERIPWVPPECIENPKNLNLATDKWSFGTTLWEICSGGDKPLSALDSQRKLQFYEDRHQLPAP
KAAELANLINNCMDYEPDHRPSFRAIIRDLNSLFTPDLVPRGSHHHHHH
;
_entity_poly.pdbx_strand_id   A
#
# COMPACT_ATOMS: atom_id res chain seq x y z
N PHE A 2 -5.03 9.78 18.65
CA PHE A 2 -6.07 9.23 17.78
C PHE A 2 -7.46 9.54 18.30
N HIS A 3 -8.32 10.07 17.43
CA HIS A 3 -9.69 10.35 17.80
C HIS A 3 -10.43 9.07 18.15
N LYS A 4 -11.09 9.05 19.30
CA LYS A 4 -11.82 7.88 19.76
C LYS A 4 -13.25 7.93 19.24
N ILE A 5 -13.70 6.82 18.66
CA ILE A 5 -15.04 6.69 18.10
C ILE A 5 -15.80 5.66 18.92
N ARG A 6 -17.03 6.00 19.31
CA ARG A 6 -17.83 5.09 20.13
C ARG A 6 -18.23 3.86 19.33
N ASN A 7 -18.19 2.70 20.00
CA ASN A 7 -18.71 1.47 19.41
C ASN A 7 -20.17 1.63 18.98
N GLU A 8 -20.92 2.43 19.74
CA GLU A 8 -22.34 2.62 19.44
C GLU A 8 -22.57 3.40 18.15
N ASP A 9 -21.56 4.12 17.66
CA ASP A 9 -21.69 4.91 16.45
C ASP A 9 -21.23 4.18 15.20
N LEU A 10 -20.80 2.92 15.31
CA LEU A 10 -20.29 2.14 14.18
C LEU A 10 -21.22 0.96 13.92
N ILE A 11 -21.52 0.73 12.64
CA ILE A 11 -22.30 -0.40 12.18
C ILE A 11 -21.42 -1.22 11.25
N PHE A 12 -21.19 -2.48 11.60
CA PHE A 12 -20.39 -3.37 10.77
C PHE A 12 -21.26 -4.02 9.71
N ASN A 13 -20.82 -3.93 8.45
CA ASN A 13 -21.51 -4.59 7.36
C ASN A 13 -20.63 -5.66 6.74
N GLU A 14 -20.67 -5.80 5.42
CA GLU A 14 -20.10 -6.98 4.77
C GLU A 14 -18.59 -7.03 4.91
N SER A 15 -18.07 -8.25 4.97
CA SER A 15 -16.63 -8.46 5.00
C SER A 15 -16.04 -8.28 3.60
N LEU A 16 -14.95 -7.53 3.51
CA LEU A 16 -14.29 -7.29 2.24
C LEU A 16 -13.05 -8.15 2.03
N GLY A 17 -12.51 -8.74 3.09
CA GLY A 17 -11.34 -9.58 2.99
C GLY A 17 -10.55 -9.54 4.27
N GLN A 18 -9.26 -9.85 4.15
CA GLN A 18 -8.38 -9.92 5.30
C GLN A 18 -7.04 -9.29 4.97
N GLY A 19 -6.41 -8.69 5.98
CA GLY A 19 -5.02 -8.32 5.94
C GLY A 19 -4.19 -9.27 6.79
N THR A 20 -2.94 -8.86 7.01
CA THR A 20 -2.06 -9.63 7.89
C THR A 20 -2.56 -9.51 9.32
N PHE A 21 -3.09 -10.61 9.86
CA PHE A 21 -3.64 -10.71 11.20
C PHE A 21 -4.86 -9.81 11.41
N THR A 22 -5.56 -9.43 10.34
CA THR A 22 -6.72 -8.55 10.45
C THR A 22 -7.85 -9.05 9.56
N LYS A 23 -9.05 -8.59 9.88
CA LYS A 23 -10.23 -8.78 9.04
C LYS A 23 -10.79 -7.41 8.66
N ILE A 24 -11.21 -7.27 7.41
CA ILE A 24 -11.60 -5.98 6.87
C ILE A 24 -13.10 -6.00 6.58
N PHE A 25 -13.79 -4.93 6.97
CA PHE A 25 -15.23 -4.82 6.78
C PHE A 25 -15.58 -3.46 6.20
N LYS A 26 -16.66 -3.43 5.43
CA LYS A 26 -17.32 -2.18 5.10
C LYS A 26 -18.32 -1.86 6.20
N GLY A 27 -18.44 -0.57 6.53
CA GLY A 27 -19.35 -0.21 7.61
C GLY A 27 -19.82 1.21 7.53
N VAL A 28 -20.51 1.67 8.58
CA VAL A 28 -21.14 2.98 8.59
C VAL A 28 -20.90 3.64 9.94
N ARG A 29 -20.45 4.89 9.91
CA ARG A 29 -20.26 5.70 11.10
C ARG A 29 -21.35 6.78 11.15
N ARG A 30 -22.03 6.86 12.29
CA ARG A 30 -22.96 7.95 12.55
C ARG A 30 -22.18 9.05 13.28
N GLU A 31 -22.27 10.28 12.77
CA GLU A 31 -21.44 11.33 13.34
C GLU A 31 -22.13 12.68 13.23
N VAL A 32 -21.71 13.61 14.10
CA VAL A 32 -22.05 15.01 13.94
C VAL A 32 -20.97 15.65 13.07
N GLY A 33 -21.37 16.17 11.92
CA GLY A 33 -20.44 16.79 10.99
C GLY A 33 -20.37 18.29 11.15
N ASP A 34 -19.90 18.95 10.10
CA ASP A 34 -19.82 20.40 10.09
C ASP A 34 -21.22 20.99 10.21
N TYR A 35 -21.28 22.18 10.82
CA TYR A 35 -22.52 22.91 11.06
C TYR A 35 -23.51 22.13 11.93
N GLY A 36 -23.04 21.10 12.63
CA GLY A 36 -23.89 20.34 13.51
C GLY A 36 -24.84 19.37 12.83
N GLN A 37 -24.67 19.13 11.53
CA GLN A 37 -25.55 18.23 10.81
C GLN A 37 -25.18 16.78 11.06
N LEU A 38 -26.19 15.95 11.24
CA LEU A 38 -25.97 14.52 11.46
C LEU A 38 -25.72 13.83 10.13
N HIS A 39 -24.71 12.97 10.09
CA HIS A 39 -24.28 12.31 8.86
C HIS A 39 -24.12 10.82 9.08
N GLU A 40 -24.44 10.07 8.02
CA GLU A 40 -24.24 8.63 7.92
C GLU A 40 -23.13 8.44 6.88
N THR A 41 -21.95 8.03 7.33
CA THR A 41 -20.76 8.02 6.49
C THR A 41 -20.24 6.60 6.30
N GLU A 42 -20.02 6.20 5.05
CA GLU A 42 -19.37 4.92 4.79
C GLU A 42 -17.93 4.94 5.30
N VAL A 43 -17.51 3.83 5.92
CA VAL A 43 -16.19 3.73 6.52
C VAL A 43 -15.61 2.34 6.23
N LEU A 44 -14.28 2.27 6.28
CA LEU A 44 -13.54 1.03 6.21
C LEU A 44 -13.10 0.66 7.62
N LEU A 45 -13.37 -0.56 8.05
CA LEU A 45 -13.11 -0.99 9.41
C LEU A 45 -12.11 -2.14 9.40
N LYS A 46 -10.95 -1.92 9.99
CA LYS A 46 -9.91 -2.94 10.10
C LYS A 46 -9.89 -3.45 11.52
N VAL A 47 -10.06 -4.77 11.69
CA VAL A 47 -10.18 -5.39 13.00
C VAL A 47 -8.98 -6.32 13.19
N LEU A 48 -8.16 -6.02 14.19
CA LEU A 48 -7.05 -6.90 14.53
C LEU A 48 -7.58 -8.19 15.13
N ASP A 49 -7.07 -9.32 14.67
CA ASP A 49 -7.50 -10.60 15.20
C ASP A 49 -7.24 -10.68 16.69
N LYS A 50 -8.22 -11.21 17.44
CA LYS A 50 -8.05 -11.38 18.87
C LYS A 50 -6.83 -12.23 19.19
N ALA A 51 -6.65 -13.33 18.47
CA ALA A 51 -5.53 -14.22 18.69
C ALA A 51 -4.18 -13.51 18.52
N HIS A 52 -4.14 -12.40 17.78
CA HIS A 52 -2.92 -11.64 17.58
C HIS A 52 -2.98 -10.28 18.28
N ARG A 53 -3.73 -10.20 19.37
CA ARG A 53 -3.90 -8.92 20.09
C ARG A 53 -2.57 -8.31 20.48
N ASN A 54 -1.54 -9.14 20.69
CA ASN A 54 -0.23 -8.65 21.09
C ASN A 54 0.44 -7.77 20.04
N TYR A 55 -0.12 -7.69 18.83
CA TYR A 55 0.41 -6.79 17.81
C TYR A 55 -0.24 -5.41 17.84
N SER A 56 -1.19 -5.19 18.76
CA SER A 56 -2.00 -3.98 18.78
C SER A 56 -1.17 -2.72 18.53
N GLU A 57 -0.17 -2.49 19.38
CA GLU A 57 0.72 -1.33 19.23
C GLU A 57 1.14 -1.14 17.77
N SER A 58 1.85 -2.13 17.23
CA SER A 58 2.29 -2.02 15.83
C SER A 58 1.09 -1.77 14.92
N PHE A 59 0.02 -2.56 15.10
CA PHE A 59 -1.18 -2.38 14.30
C PHE A 59 -1.64 -0.93 14.28
N PHE A 60 -1.59 -0.25 15.41
CA PHE A 60 -1.99 1.15 15.42
C PHE A 60 -0.86 2.07 14.97
N GLU A 61 0.40 1.74 15.32
CA GLU A 61 1.52 2.60 14.93
C GLU A 61 1.55 2.81 13.43
N ALA A 62 1.34 1.74 12.66
CA ALA A 62 1.15 1.86 11.21
C ALA A 62 0.19 2.98 10.88
N ALA A 63 -1.07 2.85 11.32
CA ALA A 63 -2.05 3.89 11.05
C ALA A 63 -1.55 5.25 11.52
N SER A 64 -0.86 5.28 12.67
CA SER A 64 -0.34 6.53 13.19
C SER A 64 0.58 7.22 12.19
N MET A 65 1.46 6.45 11.54
CA MET A 65 2.38 7.06 10.57
C MET A 65 1.64 7.80 9.47
N MET A 66 0.44 7.33 9.11
CA MET A 66 -0.31 7.96 8.04
C MET A 66 -1.06 9.21 8.48
N SER A 67 -1.23 9.40 9.80
CA SER A 67 -2.02 10.50 10.31
C SER A 67 -1.18 11.63 10.89
N LYS A 68 0.14 11.45 11.03
CA LYS A 68 0.99 12.54 11.47
C LYS A 68 1.22 13.58 10.40
N LEU A 69 1.03 13.22 9.13
CA LEU A 69 1.17 14.15 8.01
C LEU A 69 -0.11 14.14 7.19
N SER A 70 -0.42 15.28 6.58
CA SER A 70 -1.60 15.44 5.74
C SER A 70 -1.18 15.60 4.29
N HIS A 71 -1.72 14.77 3.42
CA HIS A 71 -1.39 14.83 2.00
C HIS A 71 -2.54 14.25 1.20
N LYS A 72 -2.72 14.77 -0.02
CA LYS A 72 -3.86 14.39 -0.84
C LYS A 72 -3.78 12.94 -1.30
N HIS A 73 -2.60 12.32 -1.27
CA HIS A 73 -2.41 10.95 -1.74
C HIS A 73 -2.26 9.95 -0.61
N LEU A 74 -2.59 10.33 0.63
CA LEU A 74 -2.52 9.45 1.77
C LEU A 74 -3.92 9.20 2.32
N VAL A 75 -4.20 7.93 2.64
CA VAL A 75 -5.53 7.57 3.13
C VAL A 75 -5.81 8.29 4.44
N LEU A 76 -7.07 8.65 4.64
CA LEU A 76 -7.49 9.35 5.84
C LEU A 76 -7.90 8.35 6.91
N ASN A 77 -7.41 8.56 8.13
CA ASN A 77 -7.83 7.79 9.29
C ASN A 77 -8.88 8.60 10.05
N TYR A 78 -10.06 8.01 10.24
CA TYR A 78 -11.09 8.69 11.01
C TYR A 78 -10.88 8.52 12.50
N GLY A 79 -10.46 7.33 12.93
CA GLY A 79 -10.16 7.15 14.34
C GLY A 79 -9.97 5.69 14.71
N VAL A 80 -10.12 5.42 16.00
CA VAL A 80 -9.93 4.09 16.56
C VAL A 80 -11.05 3.79 17.53
N CYS A 81 -11.52 2.54 17.51
CA CYS A 81 -12.48 2.03 18.48
C CYS A 81 -11.76 0.96 19.30
N VAL A 82 -11.55 1.24 20.58
CA VAL A 82 -10.88 0.32 21.49
C VAL A 82 -11.86 -0.21 22.52
N GLY A 84 -14.31 -2.23 23.60
CA GLY A 84 -14.41 -3.54 24.22
C GLY A 84 -13.18 -4.39 24.01
N ASP A 85 -13.39 -5.66 23.63
CA ASP A 85 -12.30 -6.58 23.37
C ASP A 85 -11.78 -6.50 21.94
N GLU A 86 -11.99 -5.37 21.27
CA GLU A 86 -11.65 -5.22 19.86
C GLU A 86 -10.73 -4.03 19.66
N ASN A 87 -9.74 -4.21 18.78
CA ASN A 87 -8.86 -3.13 18.32
C ASN A 87 -9.30 -2.81 16.90
N ILE A 88 -10.03 -1.70 16.73
CA ILE A 88 -10.65 -1.37 15.45
C ILE A 88 -10.06 -0.06 14.94
N LEU A 89 -9.61 -0.06 13.69
CA LEU A 89 -9.18 1.13 12.99
C LEU A 89 -10.26 1.55 12.00
N VAL A 90 -10.66 2.82 12.06
CA VAL A 90 -11.72 3.37 11.23
C VAL A 90 -11.10 4.35 10.25
N GLN A 91 -11.13 3.99 8.97
CA GLN A 91 -10.54 4.77 7.89
C GLN A 91 -11.62 5.17 6.89
N GLU A 92 -11.25 6.06 5.98
CA GLU A 92 -12.15 6.46 4.90
C GLU A 92 -12.41 5.27 3.99
N PHE A 93 -13.62 5.24 3.42
CA PHE A 93 -13.98 4.21 2.47
C PHE A 93 -13.71 4.71 1.06
N VAL A 94 -12.81 4.02 0.36
CA VAL A 94 -12.49 4.34 -1.03
C VAL A 94 -13.43 3.56 -1.93
N LYS A 95 -13.99 4.25 -2.94
CA LYS A 95 -15.13 3.67 -3.67
C LYS A 95 -14.73 2.46 -4.50
N PHE A 96 -13.56 2.49 -5.13
CA PHE A 96 -13.19 1.49 -6.12
C PHE A 96 -12.16 0.49 -5.62
N GLY A 97 -11.88 0.46 -4.32
CA GLY A 97 -11.06 -0.59 -3.75
C GLY A 97 -9.58 -0.48 -4.05
N SER A 98 -8.89 -1.60 -3.89
CA SER A 98 -7.45 -1.69 -4.04
C SER A 98 -7.06 -1.88 -5.50
N LEU A 99 -5.81 -1.52 -5.80
CA LEU A 99 -5.39 -1.42 -7.20
C LEU A 99 -5.08 -2.78 -7.81
N ASP A 100 -4.67 -3.76 -7.02
CA ASP A 100 -4.35 -5.08 -7.58
C ASP A 100 -5.60 -5.71 -8.20
N THR A 101 -6.70 -5.74 -7.45
CA THR A 101 -7.95 -6.28 -7.98
C THR A 101 -8.45 -5.47 -9.16
N TYR A 102 -8.30 -4.14 -9.10
CA TYR A 102 -8.75 -3.29 -10.21
C TYR A 102 -7.96 -3.58 -11.47
N LEU A 103 -6.65 -3.76 -11.34
CA LEU A 103 -5.82 -4.14 -12.48
C LEU A 103 -6.25 -5.49 -13.04
N LYS A 104 -6.53 -6.45 -12.16
CA LYS A 104 -6.97 -7.77 -12.61
C LYS A 104 -8.28 -7.68 -13.39
N LYS A 105 -9.24 -6.90 -12.88
CA LYS A 105 -10.57 -6.87 -13.47
C LYS A 105 -10.63 -6.00 -14.72
N ASN A 106 -9.90 -4.89 -14.74
CA ASN A 106 -9.90 -3.97 -15.87
C ASN A 106 -8.61 -4.06 -16.68
N LYS A 107 -8.00 -5.25 -16.74
CA LYS A 107 -6.73 -5.42 -17.43
C LYS A 107 -6.85 -5.09 -18.90
N ASN A 108 -7.95 -5.50 -19.52
CA ASN A 108 -8.07 -5.43 -20.97
C ASN A 108 -8.37 -4.02 -21.46
N CYS A 109 -8.29 -3.04 -20.55
CA CYS A 109 -8.60 -1.65 -20.90
C CYS A 109 -7.80 -0.70 -20.03
N ILE A 110 -6.53 -1.01 -19.78
CA ILE A 110 -5.61 -0.12 -19.08
C ILE A 110 -4.38 0.07 -19.96
N ASN A 111 -4.15 1.31 -20.39
CA ASN A 111 -3.05 1.60 -21.30
C ASN A 111 -1.90 2.27 -20.54
N ILE A 112 -0.85 2.62 -21.30
CA ILE A 112 0.37 3.14 -20.71
C ILE A 112 0.13 4.51 -20.06
N LEU A 113 -0.82 5.27 -20.58
CA LEU A 113 -1.09 6.60 -20.01
C LEU A 113 -1.68 6.49 -18.61
N TRP A 114 -2.66 5.60 -18.44
CA TRP A 114 -3.26 5.36 -17.14
C TRP A 114 -2.21 4.89 -16.14
N LYS A 115 -1.38 3.93 -16.54
CA LYS A 115 -0.34 3.41 -15.67
C LYS A 115 0.67 4.50 -15.32
N LEU A 116 1.01 5.35 -16.29
CA LEU A 116 1.97 6.42 -16.04
C LEU A 116 1.40 7.43 -15.05
N GLU A 117 0.12 7.78 -15.18
CA GLU A 117 -0.49 8.69 -14.23
C GLU A 117 -0.50 8.10 -12.82
N VAL A 118 -0.88 6.82 -12.70
CA VAL A 118 -0.90 6.17 -11.39
C VAL A 118 0.50 6.13 -10.79
N ALA A 119 1.51 5.79 -11.62
CA ALA A 119 2.88 5.74 -11.14
C ALA A 119 3.36 7.12 -10.69
N LYS A 120 3.01 8.17 -11.43
CA LYS A 120 3.40 9.51 -11.03
C LYS A 120 2.76 9.91 -9.71
N GLN A 121 1.49 9.57 -9.50
CA GLN A 121 0.83 9.91 -8.24
C GLN A 121 1.45 9.14 -7.07
N LEU A 122 1.70 7.84 -7.26
CA LEU A 122 2.36 7.07 -6.20
C LEU A 122 3.75 7.62 -5.90
N ALA A 123 4.48 8.02 -6.95
CA ALA A 123 5.82 8.54 -6.75
C ALA A 123 5.78 9.89 -6.06
N ALA A 124 4.73 10.68 -6.30
CA ALA A 124 4.57 11.94 -5.57
C ALA A 124 4.31 11.70 -4.10
N ALA A 125 3.46 10.72 -3.78
CA ALA A 125 3.24 10.38 -2.38
C ALA A 125 4.53 9.91 -1.71
N MET A 126 5.28 9.06 -2.38
CA MET A 126 6.54 8.56 -1.81
C MET A 126 7.59 9.67 -1.70
N HIS A 127 7.57 10.63 -2.62
CA HIS A 127 8.48 11.77 -2.50
C HIS A 127 8.10 12.64 -1.31
N PHE A 128 6.81 12.84 -1.09
CA PHE A 128 6.36 13.53 0.12
C PHE A 128 6.84 12.83 1.37
N LEU A 129 6.74 11.50 1.40
CA LEU A 129 7.23 10.74 2.55
C LEU A 129 8.74 10.85 2.70
N GLU A 130 9.46 10.85 1.58
CA GLU A 130 10.92 10.90 1.63
C GLU A 130 11.41 12.24 2.14
N GLU A 131 10.79 13.34 1.68
CA GLU A 131 11.15 14.66 2.17
C GLU A 131 10.95 14.79 3.68
N ASN A 132 9.97 14.07 4.23
CA ASN A 132 9.70 14.04 5.66
C ASN A 132 10.42 12.91 6.37
N THR A 133 11.28 12.16 5.67
CA THR A 133 12.04 11.05 6.24
C THR A 133 11.14 10.09 7.01
N LEU A 134 10.00 9.76 6.41
CA LEU A 134 9.02 8.88 7.02
C LEU A 134 8.94 7.60 6.21
N ILE A 135 9.27 6.48 6.85
CA ILE A 135 9.27 5.18 6.17
C ILE A 135 7.84 4.64 6.14
N HIS A 136 7.43 4.13 4.97
CA HIS A 136 6.16 3.44 4.87
C HIS A 136 6.32 1.97 5.25
N GLY A 137 7.10 1.23 4.49
CA GLY A 137 7.48 -0.13 4.85
C GLY A 137 6.67 -1.23 4.19
N ASN A 138 5.62 -0.90 3.44
CA ASN A 138 4.83 -1.92 2.78
C ASN A 138 4.14 -1.37 1.54
N VAL A 139 4.93 -0.86 0.59
CA VAL A 139 4.38 -0.35 -0.66
C VAL A 139 4.05 -1.54 -1.56
N CYS A 140 2.79 -1.65 -1.96
CA CYS A 140 2.34 -2.70 -2.85
C CYS A 140 1.01 -2.27 -3.47
N ALA A 141 0.65 -2.95 -4.56
CA ALA A 141 -0.60 -2.63 -5.24
C ALA A 141 -1.80 -2.82 -4.34
N LYS A 142 -1.74 -3.78 -3.41
CA LYS A 142 -2.85 -4.00 -2.50
C LYS A 142 -3.07 -2.82 -1.58
N ASN A 143 -2.02 -2.03 -1.33
CA ASN A 143 -2.10 -0.86 -0.47
C ASN A 143 -2.27 0.44 -1.25
N ILE A 144 -2.64 0.35 -2.53
CA ILE A 144 -3.02 1.51 -3.33
C ILE A 144 -4.52 1.42 -3.57
N LEU A 145 -5.23 2.52 -3.29
CA LEU A 145 -6.68 2.57 -3.39
C LEU A 145 -7.08 3.57 -4.47
N LEU A 146 -8.13 3.24 -5.23
CA LEU A 146 -8.54 4.03 -6.38
C LEU A 146 -9.73 4.90 -5.97
N ILE A 147 -9.46 6.18 -5.72
CA ILE A 147 -10.51 7.10 -5.30
C ILE A 147 -11.51 7.32 -6.42
N ARG A 148 -11.03 7.52 -7.65
CA ARG A 148 -11.90 7.72 -8.80
C ARG A 148 -11.25 7.14 -10.04
N GLU A 149 -12.07 6.74 -11.00
CA GLU A 149 -11.60 6.14 -12.23
C GLU A 149 -11.23 7.20 -13.25
N GLU A 150 -10.43 6.79 -14.24
CA GLU A 150 -10.13 7.65 -15.37
C GLU A 150 -11.39 7.89 -16.19
N ASP A 151 -11.58 9.13 -16.64
CA ASP A 151 -12.70 9.51 -17.48
C ASP A 151 -12.15 10.24 -18.70
N ARG A 152 -11.99 9.51 -19.80
CA ARG A 152 -11.50 10.12 -21.03
C ARG A 152 -12.52 11.07 -21.65
N LYS A 153 -13.79 10.97 -21.27
CA LYS A 153 -14.80 11.87 -21.81
C LYS A 153 -14.61 13.29 -21.29
N THR A 154 -14.14 13.44 -20.06
CA THR A 154 -13.84 14.74 -19.49
C THR A 154 -12.35 14.98 -19.30
N GLY A 155 -11.51 14.01 -19.65
CA GLY A 155 -10.08 14.12 -19.47
C GLY A 155 -9.59 13.89 -18.05
N ASN A 156 -10.49 13.64 -17.10
CA ASN A 156 -10.08 13.43 -15.72
C ASN A 156 -9.15 12.21 -15.64
N PRO A 157 -7.99 12.34 -15.02
CA PRO A 157 -7.13 11.18 -14.80
C PRO A 157 -7.64 10.37 -13.63
N PRO A 158 -7.15 9.14 -13.45
CA PRO A 158 -7.46 8.42 -12.22
C PRO A 158 -6.77 9.08 -11.05
N PHE A 159 -7.35 8.87 -9.87
CA PHE A 159 -6.78 9.38 -8.63
C PHE A 159 -6.62 8.22 -7.67
N ILE A 160 -5.44 8.14 -7.04
CA ILE A 160 -5.14 7.04 -6.13
C ILE A 160 -4.65 7.62 -4.80
N LYS A 161 -4.73 6.77 -3.78
CA LYS A 161 -4.19 7.08 -2.47
C LYS A 161 -3.39 5.89 -1.97
N LEU A 162 -2.36 6.17 -1.17
CA LEU A 162 -1.59 5.13 -0.53
C LEU A 162 -2.19 4.83 0.83
N SER A 163 -2.36 3.55 1.13
CA SER A 163 -2.94 3.14 2.40
C SER A 163 -1.83 2.90 3.43
N ASP A 164 -2.22 2.59 4.66
CA ASP A 164 -1.25 2.35 5.72
C ASP A 164 -0.55 1.02 5.49
N PRO A 165 0.68 0.87 6.02
CA PRO A 165 1.45 -0.36 5.75
C PRO A 165 1.01 -1.58 6.52
N GLY A 166 0.12 -1.44 7.50
CA GLY A 166 -0.21 -2.57 8.35
C GLY A 166 0.92 -2.87 9.33
N ILE A 167 0.79 -4.01 10.00
CA ILE A 167 1.78 -4.42 10.98
C ILE A 167 3.16 -4.44 10.34
N SER A 168 4.13 -3.85 11.03
CA SER A 168 5.45 -3.64 10.45
C SER A 168 6.21 -4.95 10.27
N ILE A 169 7.06 -4.99 9.24
CA ILE A 169 7.90 -6.15 8.99
C ILE A 169 8.94 -6.34 10.08
N THR A 170 9.20 -5.29 10.88
CA THR A 170 10.18 -5.36 11.95
C THR A 170 9.71 -6.23 13.12
N VAL A 171 8.44 -6.63 13.14
CA VAL A 171 7.91 -7.48 14.20
C VAL A 171 7.18 -8.69 13.66
N LEU A 172 7.09 -8.86 12.34
CA LEU A 172 6.36 -9.98 11.76
C LEU A 172 7.20 -11.24 11.75
N PRO A 173 6.57 -12.41 11.79
CA PRO A 173 7.32 -13.66 11.73
C PRO A 173 8.09 -13.81 10.43
N LYS A 174 9.15 -14.62 10.48
CA LYS A 174 10.07 -14.71 9.34
C LYS A 174 9.40 -15.36 8.12
N ASP A 175 8.49 -16.31 8.35
CA ASP A 175 7.85 -16.98 7.22
C ASP A 175 6.96 -16.01 6.45
N ILE A 176 6.23 -15.14 7.16
CA ILE A 176 5.44 -14.11 6.48
C ILE A 176 6.34 -13.17 5.70
N LEU A 177 7.51 -12.82 6.26
CA LEU A 177 8.44 -11.95 5.55
C LEU A 177 8.93 -12.61 4.26
N GLN A 178 9.30 -13.88 4.33
CA GLN A 178 9.76 -14.59 3.14
C GLN A 178 8.65 -14.74 2.12
N GLU A 179 7.40 -14.93 2.57
CA GLU A 179 6.29 -14.97 1.63
C GLU A 179 6.12 -13.64 0.90
N ARG A 180 6.56 -12.55 1.51
CA ARG A 180 6.42 -11.22 0.92
C ARG A 180 7.56 -10.84 -0.01
N ILE A 181 8.50 -11.75 -0.26
CA ILE A 181 9.43 -11.53 -1.36
C ILE A 181 8.65 -11.53 -2.68
N PRO A 182 8.90 -10.61 -3.62
CA PRO A 182 9.95 -9.59 -3.65
C PRO A 182 9.53 -8.17 -3.27
N TRP A 183 8.46 -8.01 -2.50
CA TRP A 183 8.14 -6.67 -1.99
C TRP A 183 9.11 -6.26 -0.89
N VAL A 184 9.45 -7.20 0.00
CA VAL A 184 10.41 -6.96 1.07
C VAL A 184 11.81 -7.00 0.46
N PRO A 185 12.60 -5.95 0.63
CA PRO A 185 13.92 -5.88 -0.01
C PRO A 185 14.86 -6.92 0.56
N PRO A 186 15.96 -7.22 -0.13
CA PRO A 186 16.87 -8.27 0.36
C PRO A 186 17.49 -7.95 1.72
N GLU A 187 17.83 -6.69 1.99
CA GLU A 187 18.45 -6.34 3.25
C GLU A 187 17.51 -6.52 4.44
N CYS A 188 16.20 -6.48 4.20
CA CYS A 188 15.23 -6.74 5.26
C CYS A 188 14.96 -8.22 5.46
N ILE A 189 15.11 -9.04 4.41
CA ILE A 189 15.12 -10.48 4.60
C ILE A 189 16.35 -10.88 5.39
N GLU A 190 17.50 -10.29 5.08
CA GLU A 190 18.71 -10.51 5.86
C GLU A 190 18.53 -10.05 7.30
N ASN A 191 17.88 -8.89 7.48
CA ASN A 191 17.65 -8.32 8.79
C ASN A 191 16.48 -7.35 8.71
N PRO A 192 15.32 -7.70 9.29
CA PRO A 192 14.16 -6.81 9.21
C PRO A 192 14.38 -5.46 9.85
N LYS A 193 15.34 -5.34 10.78
CA LYS A 193 15.65 -4.06 11.39
C LYS A 193 16.38 -3.12 10.46
N ASN A 194 16.78 -3.59 9.28
CA ASN A 194 17.35 -2.75 8.22
C ASN A 194 16.29 -1.93 7.51
N LEU A 195 15.09 -1.80 8.07
CA LEU A 195 14.05 -0.97 7.48
C LEU A 195 14.55 0.47 7.37
N ASN A 196 14.45 1.01 6.16
CA ASN A 196 15.04 2.31 5.85
C ASN A 196 14.23 2.94 4.71
N LEU A 197 14.63 4.15 4.32
CA LEU A 197 13.95 4.83 3.22
C LEU A 197 14.15 4.10 1.90
N ALA A 198 15.28 3.40 1.73
CA ALA A 198 15.55 2.69 0.48
C ALA A 198 14.65 1.47 0.31
N THR A 199 14.18 0.91 1.43
CA THR A 199 13.19 -0.16 1.40
C THR A 199 12.01 0.23 0.52
N ASP A 200 11.52 1.46 0.70
CA ASP A 200 10.36 1.92 -0.05
C ASP A 200 10.67 2.09 -1.52
N LYS A 201 11.90 2.44 -1.88
CA LYS A 201 12.26 2.50 -3.29
C LYS A 201 12.22 1.12 -3.94
N TRP A 202 12.79 0.12 -3.25
CA TRP A 202 12.71 -1.25 -3.76
C TRP A 202 11.25 -1.68 -3.92
N SER A 203 10.45 -1.48 -2.87
CA SER A 203 9.05 -1.91 -2.92
C SER A 203 8.26 -1.14 -3.97
N PHE A 204 8.64 0.12 -4.23
CA PHE A 204 8.01 0.89 -5.29
C PHE A 204 8.30 0.28 -6.65
N GLY A 205 9.53 -0.19 -6.85
CA GLY A 205 9.82 -0.92 -8.09
C GLY A 205 8.96 -2.16 -8.25
N THR A 206 8.83 -2.93 -7.17
CA THR A 206 7.96 -4.11 -7.22
C THR A 206 6.52 -3.72 -7.54
N THR A 207 6.04 -2.62 -6.96
CA THR A 207 4.67 -2.18 -7.20
C THR A 207 4.50 -1.76 -8.65
N LEU A 208 5.51 -1.14 -9.25
CA LEU A 208 5.45 -0.82 -10.67
C LEU A 208 5.35 -2.07 -11.51
N TRP A 209 6.09 -3.12 -11.13
CA TRP A 209 5.95 -4.40 -11.81
C TRP A 209 4.50 -4.89 -11.74
N GLU A 210 3.90 -4.82 -10.54
CA GLU A 210 2.49 -5.18 -10.38
C GLU A 210 1.61 -4.39 -11.33
N ILE A 211 1.77 -3.07 -11.36
CA ILE A 211 0.93 -2.21 -12.17
C ILE A 211 1.07 -2.54 -13.65
N CYS A 212 2.28 -2.89 -14.09
CA CYS A 212 2.51 -3.26 -15.48
C CYS A 212 2.10 -4.69 -15.80
N SER A 213 1.82 -5.53 -14.80
CA SER A 213 1.53 -6.94 -15.02
C SER A 213 0.05 -7.29 -14.79
N GLY A 214 -0.84 -6.31 -14.92
CA GLY A 214 -2.27 -6.57 -14.85
C GLY A 214 -2.75 -7.25 -13.58
N GLY A 215 -2.06 -7.00 -12.46
CA GLY A 215 -2.44 -7.59 -11.19
C GLY A 215 -1.77 -8.91 -10.86
N ASP A 216 -0.91 -9.42 -11.74
CA ASP A 216 -0.15 -10.63 -11.42
C ASP A 216 0.78 -10.36 -10.25
N LYS A 217 1.05 -11.40 -9.46
CA LYS A 217 1.97 -11.28 -8.33
C LYS A 217 3.34 -11.81 -8.74
N PRO A 218 4.40 -11.03 -8.60
CA PRO A 218 5.72 -11.51 -9.02
C PRO A 218 6.20 -12.65 -8.13
N LEU A 219 6.78 -13.67 -8.77
CA LEU A 219 7.33 -14.85 -8.11
C LEU A 219 6.29 -15.65 -7.35
N SER A 220 5.01 -15.53 -7.72
CA SER A 220 3.97 -16.27 -7.01
C SER A 220 4.13 -17.78 -7.18
N ALA A 221 4.75 -18.21 -8.27
CA ALA A 221 4.98 -19.65 -8.49
C ALA A 221 6.09 -20.20 -7.62
N LEU A 222 6.91 -19.35 -7.00
CA LEU A 222 8.00 -19.81 -6.15
C LEU A 222 7.53 -19.91 -4.70
N ASP A 223 7.87 -21.00 -4.04
CA ASP A 223 7.64 -21.09 -2.60
C ASP A 223 8.69 -20.27 -1.86
N SER A 224 8.58 -20.25 -0.54
CA SER A 224 9.40 -19.34 0.26
C SER A 224 10.89 -19.65 0.12
N GLN A 225 11.26 -20.92 0.14
CA GLN A 225 12.67 -21.29 -0.04
C GLN A 225 13.19 -20.81 -1.40
N ARG A 226 12.37 -20.96 -2.44
CA ARG A 226 12.83 -20.54 -3.77
C ARG A 226 12.87 -19.02 -3.90
N LYS A 227 12.04 -18.30 -3.15
CA LYS A 227 12.16 -16.84 -3.11
C LYS A 227 13.45 -16.42 -2.40
N LEU A 228 13.75 -17.08 -1.28
CA LEU A 228 15.04 -16.87 -0.62
C LEU A 228 16.18 -17.07 -1.59
N GLN A 229 16.17 -18.18 -2.33
CA GLN A 229 17.24 -18.46 -3.28
C GLN A 229 17.25 -17.47 -4.43
N PHE A 230 16.07 -16.97 -4.83
CA PHE A 230 15.98 -15.90 -5.81
C PHE A 230 16.79 -14.70 -5.35
N TYR A 231 16.62 -14.30 -4.08
CA TYR A 231 17.43 -13.21 -3.56
C TYR A 231 18.90 -13.61 -3.47
N GLU A 232 19.18 -14.87 -3.13
CA GLU A 232 20.56 -15.31 -2.95
C GLU A 232 21.34 -15.24 -4.25
N ASP A 233 20.70 -15.57 -5.37
CA ASP A 233 21.35 -15.55 -6.68
C ASP A 233 21.28 -14.18 -7.34
N ARG A 234 20.74 -13.17 -6.65
CA ARG A 234 20.72 -11.78 -7.13
C ARG A 234 19.99 -11.65 -8.46
N HIS A 235 18.88 -12.37 -8.60
CA HIS A 235 18.06 -12.25 -9.78
C HIS A 235 17.22 -10.98 -9.74
N GLN A 236 16.83 -10.53 -10.92
CA GLN A 236 15.88 -9.44 -11.08
C GLN A 236 14.59 -9.99 -11.65
N LEU A 237 13.49 -9.26 -11.43
CA LEU A 237 12.21 -9.67 -11.96
C LEU A 237 12.23 -9.62 -13.50
N PRO A 238 11.49 -10.50 -14.17
CA PRO A 238 11.39 -10.41 -15.62
C PRO A 238 10.63 -9.17 -16.02
N ALA A 239 10.96 -8.65 -17.20
CA ALA A 239 10.24 -7.50 -17.73
C ALA A 239 8.81 -7.89 -18.06
N PRO A 240 7.83 -7.09 -17.66
CA PRO A 240 6.44 -7.39 -18.06
C PRO A 240 6.29 -7.29 -19.57
N LYS A 241 5.24 -7.95 -20.08
CA LYS A 241 4.94 -7.87 -21.49
C LYS A 241 4.81 -6.42 -21.94
N ALA A 242 4.12 -5.60 -21.15
CA ALA A 242 4.18 -4.15 -21.29
C ALA A 242 5.41 -3.68 -20.52
N ALA A 243 6.52 -3.52 -21.24
CA ALA A 243 7.83 -3.29 -20.63
C ALA A 243 8.25 -1.83 -20.65
N GLU A 244 7.29 -0.90 -20.72
CA GLU A 244 7.64 0.52 -20.80
C GLU A 244 8.35 1.01 -19.55
N LEU A 245 8.12 0.37 -18.41
CA LEU A 245 8.70 0.79 -17.14
C LEU A 245 9.74 -0.19 -16.61
N ALA A 246 10.15 -1.17 -17.42
CA ALA A 246 11.00 -2.26 -16.92
C ALA A 246 12.34 -1.74 -16.40
N ASN A 247 12.94 -0.79 -17.12
CA ASN A 247 14.23 -0.26 -16.69
C ASN A 247 14.11 0.50 -15.37
N LEU A 248 13.03 1.26 -15.19
CA LEU A 248 12.81 1.93 -13.91
C LEU A 248 12.57 0.91 -12.80
N ILE A 249 11.82 -0.15 -13.10
CA ILE A 249 11.59 -1.22 -12.13
C ILE A 249 12.92 -1.81 -11.66
N ASN A 250 13.81 -2.12 -12.60
CA ASN A 250 15.08 -2.73 -12.25
C ASN A 250 16.00 -1.73 -11.54
N ASN A 251 15.94 -0.46 -11.92
CA ASN A 251 16.77 0.55 -11.25
C ASN A 251 16.33 0.76 -9.81
N CYS A 252 15.01 0.70 -9.55
CA CYS A 252 14.55 0.82 -8.17
C CYS A 252 14.87 -0.42 -7.35
N MET A 253 14.78 -1.60 -7.97
CA MET A 253 15.07 -2.85 -7.29
C MET A 253 16.56 -3.18 -7.37
N ASP A 254 17.36 -2.25 -6.86
CA ASP A 254 18.80 -2.41 -6.81
C ASP A 254 19.19 -3.12 -5.52
N TYR A 255 20.00 -4.17 -5.63
CA TYR A 255 20.42 -4.91 -4.46
C TYR A 255 21.30 -4.09 -3.53
N GLU A 256 21.89 -3.00 -4.03
CA GLU A 256 22.62 -2.07 -3.18
C GLU A 256 21.67 -0.96 -2.78
N PRO A 257 21.25 -0.88 -1.52
CA PRO A 257 20.23 0.12 -1.14
C PRO A 257 20.67 1.55 -1.34
N ASP A 258 21.95 1.86 -1.15
CA ASP A 258 22.43 3.23 -1.32
C ASP A 258 22.43 3.69 -2.78
N HIS A 259 22.25 2.77 -3.73
CA HIS A 259 22.25 3.12 -5.14
C HIS A 259 20.84 3.30 -5.71
N ARG A 260 19.81 3.00 -4.94
CA ARG A 260 18.45 3.18 -5.42
C ARG A 260 18.15 4.66 -5.61
N PRO A 261 17.57 5.07 -6.74
CA PRO A 261 17.44 6.49 -7.04
C PRO A 261 16.44 7.19 -6.14
N SER A 262 16.71 8.47 -5.87
CA SER A 262 15.76 9.28 -5.14
C SER A 262 14.43 9.36 -5.90
N PHE A 263 13.37 9.66 -5.16
CA PHE A 263 12.06 9.74 -5.80
C PHE A 263 11.93 10.98 -6.68
N ARG A 264 12.76 11.99 -6.47
CA ARG A 264 12.83 13.10 -7.42
C ARG A 264 13.33 12.61 -8.77
N ALA A 265 14.40 11.81 -8.76
CA ALA A 265 14.91 11.25 -10.01
C ALA A 265 13.92 10.28 -10.64
N ILE A 266 13.20 9.54 -9.81
CA ILE A 266 12.16 8.63 -10.32
C ILE A 266 11.06 9.41 -11.02
N ILE A 267 10.64 10.53 -10.40
CA ILE A 267 9.61 11.36 -11.01
C ILE A 267 10.14 11.99 -12.30
N ARG A 268 11.42 12.34 -12.33
CA ARG A 268 12.03 12.86 -13.55
C ARG A 268 12.00 11.83 -14.67
N ASP A 269 12.32 10.57 -14.35
CA ASP A 269 12.23 9.50 -15.35
C ASP A 269 10.80 9.34 -15.85
N LEU A 270 9.84 9.26 -14.93
CA LEU A 270 8.44 9.10 -15.31
C LEU A 270 7.97 10.23 -16.22
N ASN A 271 8.36 11.46 -15.90
CA ASN A 271 8.00 12.60 -16.75
C ASN A 271 8.71 12.52 -18.10
N SER A 272 9.95 12.03 -18.13
CA SER A 272 10.66 11.89 -19.38
C SER A 272 9.98 10.89 -20.31
N LEU A 273 9.37 9.86 -19.74
CA LEU A 273 8.60 8.92 -20.56
C LEU A 273 7.31 9.55 -21.07
#